data_3SML
#
_entry.id   3SML
#
_cell.length_a   82.340
_cell.length_b   112.050
_cell.length_c   62.560
_cell.angle_alpha   90.000
_cell.angle_beta   90.000
_cell.angle_gamma   90.000
#
_symmetry.space_group_name_H-M   'C 2 2 21'
#
loop_
_entity.id
_entity.type
_entity.pdbx_description
1 polymer '14-3-3 protein sigma'
2 polymer 'TASK-3 peptide'
3 non-polymer 'Fusicoccin A aglycone'
4 non-polymer 'CHLORIDE ION'
5 non-polymer 'MAGNESIUM ION'
6 water water
#
loop_
_entity_poly.entity_id
_entity_poly.type
_entity_poly.pdbx_seq_one_letter_code
_entity_poly.pdbx_strand_id
1 'polypeptide(L)'
;GAMGSMERASLIQKAKLAEQAERYEDMAAFMKGAVEKGEELSNEERNLLSVAYKNVVGGQRAAWRVLSSIEQKSNEEGSE
EKGPEVREYREKVETELQGVCDTVLGLLDSHLIKEAGDAESRVFYLKMKGDYYRYLAEVATGDDKKRIIDSARSAYQEAM
DISKKEMPPTHPIRLGLALNFSVFHYEIANSPEEAISLAKTTFDEAMADLHTLSEDSYKDSTLIMQLLRDNLTLWT
;
A
2 'polypeptide(L)' RRK(SEP)V P
#
loop_
_chem_comp.id
_chem_comp.type
_chem_comp.name
_chem_comp.formula
CL non-polymer 'CHLORIDE ION' 'Cl -1'
FW1 non-polymer 'Fusicoccin A aglycone' 'C23 H36 O6'
MG non-polymer 'MAGNESIUM ION' 'Mg 2'
#
# COMPACT_ATOMS: atom_id res chain seq x y z
N GLY A 1 11.96 -15.78 16.49
CA GLY A 1 13.33 -15.23 16.31
C GLY A 1 13.22 -14.55 14.96
N ALA A 2 14.12 -13.60 14.69
CA ALA A 2 14.99 -13.13 15.77
C ALA A 2 14.25 -12.21 16.71
N MET A 3 12.93 -11.99 16.54
CA MET A 3 12.21 -11.18 17.54
C MET A 3 11.48 -12.05 18.55
N GLY A 4 11.73 -13.35 18.44
CA GLY A 4 11.03 -14.35 19.29
C GLY A 4 11.27 -14.16 20.78
N SER A 5 12.44 -13.63 21.15
CA SER A 5 12.69 -13.48 22.59
CA SER A 5 12.77 -13.42 22.58
C SER A 5 12.29 -12.11 23.18
N MET A 6 11.82 -11.19 22.34
CA MET A 6 11.44 -9.90 22.86
C MET A 6 9.96 -9.81 23.17
N GLU A 7 9.64 -9.14 24.28
CA GLU A 7 8.23 -8.93 24.64
C GLU A 7 7.46 -8.18 23.57
N ARG A 8 6.21 -8.59 23.36
CA ARG A 8 5.37 -7.91 22.40
C ARG A 8 5.30 -6.40 22.66
N ALA A 9 5.17 -6.00 23.93
CA ALA A 9 5.02 -4.56 24.20
C ALA A 9 6.34 -3.83 23.89
N SER A 10 7.47 -4.49 24.15
CA SER A 10 8.80 -3.90 23.86
C SER A 10 8.99 -3.76 22.35
N LEU A 11 8.51 -4.75 21.56
CA LEU A 11 8.58 -4.61 20.09
C LEU A 11 7.80 -3.37 19.63
N ILE A 12 6.60 -3.17 20.17
CA ILE A 12 5.76 -2.04 19.83
CA ILE A 12 5.81 -2.03 19.76
C ILE A 12 6.43 -0.71 20.23
N GLN A 13 6.95 -0.66 21.46
CA GLN A 13 7.65 0.53 21.94
CA GLN A 13 7.68 0.50 21.96
C GLN A 13 8.85 0.85 21.02
N LYS A 14 9.63 -0.19 20.67
CA LYS A 14 10.79 0.00 19.77
C LYS A 14 10.36 0.39 18.37
N ALA A 15 9.22 -0.13 17.89
CA ALA A 15 8.72 0.28 16.58
C ALA A 15 8.45 1.80 16.55
N LYS A 16 7.87 2.33 17.64
CA LYS A 16 7.61 3.76 17.73
C LYS A 16 8.88 4.60 17.79
N LEU A 17 9.91 4.09 18.47
CA LEU A 17 11.21 4.79 18.53
C LEU A 17 11.87 4.77 17.14
N ALA A 18 11.77 3.64 16.45
CA ALA A 18 12.40 3.52 15.11
C ALA A 18 11.68 4.49 14.17
N GLU A 19 10.36 4.60 14.30
CA GLU A 19 9.64 5.58 13.49
C GLU A 19 10.19 7.03 13.76
N GLN A 20 10.38 7.37 15.03
CA GLN A 20 10.87 8.73 15.38
C GLN A 20 12.25 8.94 14.80
N ALA A 21 13.03 7.87 14.70
CA ALA A 21 14.39 7.94 14.21
C ALA A 21 14.45 7.74 12.70
N GLU A 22 13.28 7.61 12.07
CA GLU A 22 13.21 7.29 10.61
CA GLU A 22 13.19 7.28 10.61
C GLU A 22 13.97 6.03 10.22
N ARG A 23 13.96 5.03 11.10
CA ARG A 23 14.64 3.79 10.84
C ARG A 23 13.59 2.78 10.42
N TYR A 24 13.15 2.88 9.16
CA TYR A 24 11.95 2.09 8.80
C TYR A 24 12.19 0.61 8.68
N GLU A 25 13.38 0.18 8.27
CA GLU A 25 13.66 -1.24 8.22
CA GLU A 25 13.70 -1.24 8.21
C GLU A 25 13.55 -1.83 9.63
N ASP A 26 14.15 -1.16 10.62
CA ASP A 26 14.02 -1.65 12.02
C ASP A 26 12.56 -1.65 12.45
N MET A 27 11.86 -0.56 12.13
CA MET A 27 10.44 -0.45 12.52
C MET A 27 9.65 -1.64 11.96
N ALA A 28 9.90 -1.97 10.69
CA ALA A 28 9.20 -3.10 10.06
C ALA A 28 9.56 -4.41 10.71
N ALA A 29 10.85 -4.60 10.98
CA ALA A 29 11.27 -5.84 11.63
C ALA A 29 10.64 -5.95 13.02
N PHE A 30 10.56 -4.86 13.78
CA PHE A 30 9.90 -4.91 15.09
C PHE A 30 8.40 -5.24 14.97
N MET A 31 7.74 -4.58 14.02
CA MET A 31 6.27 -4.90 13.79
C MET A 31 6.04 -6.33 13.30
N LYS A 32 6.93 -6.87 12.44
CA LYS A 32 6.83 -8.27 12.03
C LYS A 32 6.89 -9.15 13.30
N GLY A 33 7.89 -8.87 14.15
CA GLY A 33 8.01 -9.59 15.40
C GLY A 33 6.73 -9.51 16.22
N ALA A 34 6.15 -8.30 16.29
CA ALA A 34 4.90 -8.15 17.08
C ALA A 34 3.72 -8.97 16.49
N VAL A 35 3.57 -8.93 15.17
CA VAL A 35 2.52 -9.74 14.56
C VAL A 35 2.76 -11.21 14.85
N GLU A 36 4.00 -11.65 14.71
CA GLU A 36 4.33 -13.06 14.93
C GLU A 36 4.09 -13.56 16.39
N LYS A 37 3.80 -12.63 17.32
CA LYS A 37 3.35 -13.05 18.66
C LYS A 37 1.98 -13.75 18.62
N GLY A 38 1.23 -13.53 17.53
CA GLY A 38 0.01 -14.26 17.32
C GLY A 38 -1.24 -13.59 17.84
N GLU A 39 -1.12 -12.51 18.58
CA GLU A 39 -2.29 -11.79 19.04
CA GLU A 39 -2.29 -11.79 19.03
C GLU A 39 -2.75 -10.79 17.96
N GLU A 40 -4.04 -10.47 17.94
CA GLU A 40 -4.55 -9.47 16.99
C GLU A 40 -3.91 -8.10 17.27
N LEU A 41 -3.95 -7.21 16.29
CA LEU A 41 -3.34 -5.87 16.45
C LEU A 41 -4.44 -4.89 16.75
N SER A 42 -4.14 -3.91 17.62
CA SER A 42 -5.01 -2.76 17.78
C SER A 42 -4.98 -1.79 16.58
N ASN A 43 -5.89 -0.80 16.54
CA ASN A 43 -5.86 0.22 15.49
CA ASN A 43 -5.86 0.24 15.50
C ASN A 43 -4.48 0.88 15.34
N GLU A 44 -3.93 1.31 16.46
CA GLU A 44 -2.65 2.05 16.46
C GLU A 44 -1.55 1.09 15.95
N GLU A 45 -1.60 -0.17 16.37
CA GLU A 45 -0.58 -1.14 15.94
C GLU A 45 -0.68 -1.48 14.44
N ARG A 46 -1.91 -1.58 13.92
CA ARG A 46 -2.08 -1.78 12.48
C ARG A 46 -1.48 -0.58 11.77
N ASN A 47 -1.72 0.62 12.27
CA ASN A 47 -1.06 1.80 11.63
C ASN A 47 0.46 1.66 11.58
N LEU A 48 1.08 1.25 12.70
CA LEU A 48 2.55 1.14 12.74
C LEU A 48 3.04 0.09 11.74
N LEU A 49 2.33 -1.02 11.65
CA LEU A 49 2.72 -2.09 10.74
C LEU A 49 2.73 -1.54 9.28
N SER A 50 1.65 -0.86 8.93
CA SER A 50 1.45 -0.36 7.58
CA SER A 50 1.43 -0.34 7.60
C SER A 50 2.45 0.74 7.25
N VAL A 51 2.72 1.62 8.21
CA VAL A 51 3.66 2.74 7.99
C VAL A 51 5.09 2.18 7.75
N ALA A 52 5.47 1.17 8.56
CA ALA A 52 6.86 0.64 8.50
C ALA A 52 7.05 0.09 7.10
N TYR A 53 6.20 -0.85 6.70
CA TYR A 53 6.39 -1.43 5.34
C TYR A 53 6.15 -0.49 4.20
N LYS A 54 5.24 0.48 4.34
CA LYS A 54 4.98 1.36 3.22
C LYS A 54 6.24 2.17 2.95
N ASN A 55 6.94 2.61 4.03
CA ASN A 55 8.19 3.30 3.86
C ASN A 55 9.33 2.46 3.31
N VAL A 56 9.48 1.24 3.79
CA VAL A 56 10.54 0.36 3.28
C VAL A 56 10.33 0.12 1.79
N VAL A 57 9.13 -0.31 1.41
CA VAL A 57 8.87 -0.67 0.05
CA VAL A 57 8.89 -0.64 0.03
C VAL A 57 8.82 0.58 -0.86
N GLY A 58 8.39 1.71 -0.31
CA GLY A 58 8.41 2.95 -1.10
C GLY A 58 9.83 3.33 -1.49
N GLY A 59 10.79 3.15 -0.59
CA GLY A 59 12.22 3.39 -0.95
C GLY A 59 12.73 2.40 -2.04
N GLN A 60 12.36 1.13 -1.92
CA GLN A 60 12.79 0.14 -2.93
C GLN A 60 12.13 0.44 -4.27
N ARG A 61 10.83 0.82 -4.26
CA ARG A 61 10.13 1.12 -5.53
C ARG A 61 10.75 2.36 -6.22
N ALA A 62 11.05 3.42 -5.47
CA ALA A 62 11.61 4.59 -6.05
C ALA A 62 12.99 4.21 -6.67
N ALA A 63 13.74 3.36 -5.98
CA ALA A 63 15.08 2.93 -6.49
C ALA A 63 14.91 2.07 -7.73
N TRP A 64 13.96 1.15 -7.72
CA TRP A 64 13.69 0.32 -8.90
C TRP A 64 13.34 1.19 -10.10
N ARG A 65 12.55 2.25 -9.85
CA ARG A 65 12.16 3.08 -11.00
C ARG A 65 13.36 3.81 -11.61
N VAL A 66 14.24 4.29 -10.74
CA VAL A 66 15.47 4.96 -11.19
C VAL A 66 16.25 4.00 -12.08
N LEU A 67 16.46 2.77 -11.59
CA LEU A 67 17.28 1.77 -12.33
CA LEU A 67 17.28 1.77 -12.33
C LEU A 67 16.59 1.27 -13.61
N SER A 68 15.28 1.04 -13.54
CA SER A 68 14.48 0.69 -14.72
CA SER A 68 14.51 0.68 -14.74
C SER A 68 14.62 1.72 -15.85
N SER A 69 14.56 2.98 -15.50
CA SER A 69 14.68 4.08 -16.45
CA SER A 69 14.66 4.06 -16.49
C SER A 69 16.05 4.04 -17.11
N ILE A 70 17.09 3.83 -16.30
CA ILE A 70 18.44 3.72 -16.83
CA ILE A 70 18.44 3.72 -16.83
C ILE A 70 18.56 2.52 -17.78
N GLU A 71 17.98 1.40 -17.39
CA GLU A 71 18.07 0.17 -18.17
C GLU A 71 17.34 0.40 -19.50
N GLN A 72 16.21 1.08 -19.44
CA GLN A 72 15.45 1.40 -20.68
C GLN A 72 16.27 2.28 -21.62
N LYS A 73 16.87 3.32 -21.10
CA LYS A 73 17.74 4.16 -21.94
CA LYS A 73 17.80 4.18 -21.89
C LYS A 73 18.88 3.34 -22.58
N SER A 74 19.44 2.37 -21.84
CA SER A 74 20.52 1.50 -22.37
C SER A 74 20.05 0.58 -23.50
N ASN A 75 18.75 0.37 -23.58
CA ASN A 75 18.15 -0.45 -24.63
C ASN A 75 17.64 0.35 -25.85
N GLU A 76 17.86 1.67 -25.86
CA GLU A 76 17.47 2.53 -27.00
C GLU A 76 18.46 2.44 -28.16
N GLU A 77 17.99 2.83 -29.36
CA GLU A 77 18.78 2.98 -30.58
CA GLU A 77 18.88 2.82 -30.51
C GLU A 77 20.06 3.78 -30.34
N GLY A 78 21.24 3.22 -30.65
CA GLY A 78 22.47 3.99 -30.59
C GLY A 78 23.03 4.21 -29.19
N SER A 79 22.42 3.56 -28.18
CA SER A 79 23.05 3.51 -26.83
C SER A 79 24.22 2.54 -26.87
N GLU A 80 25.31 2.91 -26.19
CA GLU A 80 26.53 2.09 -26.19
C GLU A 80 26.26 0.89 -25.27
N GLU A 81 26.76 -0.29 -25.65
CA GLU A 81 26.62 -1.52 -24.88
C GLU A 81 27.45 -1.44 -23.61
N LYS A 82 26.84 -1.52 -22.43
CA LYS A 82 27.63 -1.34 -21.19
CA LYS A 82 27.61 -1.35 -21.18
C LYS A 82 27.74 -2.60 -20.32
N GLY A 83 27.19 -3.71 -20.85
CA GLY A 83 27.29 -5.00 -20.21
C GLY A 83 26.07 -5.24 -19.36
N PRO A 84 26.12 -6.29 -18.55
CA PRO A 84 24.96 -6.78 -17.83
C PRO A 84 24.72 -6.04 -16.52
N GLU A 85 25.54 -5.05 -16.17
CA GLU A 85 25.51 -4.57 -14.77
C GLU A 85 24.17 -3.87 -14.46
N VAL A 86 23.65 -3.09 -15.39
CA VAL A 86 22.40 -2.34 -15.09
C VAL A 86 21.25 -3.31 -14.82
N ARG A 87 21.08 -4.26 -15.74
CA ARG A 87 20.09 -5.31 -15.54
C ARG A 87 20.33 -6.11 -14.22
N GLU A 88 21.57 -6.54 -13.95
CA GLU A 88 21.84 -7.24 -12.68
C GLU A 88 21.41 -6.45 -11.46
N TYR A 89 21.75 -5.17 -11.45
CA TYR A 89 21.53 -4.42 -10.20
C TYR A 89 20.02 -4.05 -10.08
N ARG A 90 19.37 -3.79 -11.22
CA ARG A 90 17.89 -3.64 -11.21
C ARG A 90 17.25 -4.95 -10.69
N GLU A 91 17.75 -6.10 -11.14
CA GLU A 91 17.20 -7.40 -10.66
C GLU A 91 17.46 -7.60 -9.19
N LYS A 92 18.63 -7.19 -8.68
CA LYS A 92 18.94 -7.30 -7.24
CA LYS A 92 18.93 -7.30 -7.25
C LYS A 92 17.90 -6.49 -6.43
N VAL A 93 17.68 -5.23 -6.80
CA VAL A 93 16.74 -4.36 -6.10
C VAL A 93 15.34 -4.95 -6.26
N GLU A 94 15.03 -5.45 -7.47
CA GLU A 94 13.71 -5.98 -7.72
C GLU A 94 13.44 -7.19 -6.86
N THR A 95 14.44 -8.07 -6.70
CA THR A 95 14.31 -9.27 -5.88
CA THR A 95 14.16 -9.26 -5.91
C THR A 95 14.07 -8.95 -4.41
N GLU A 96 14.77 -7.90 -3.93
CA GLU A 96 14.66 -7.52 -2.53
CA GLU A 96 14.68 -7.48 -2.53
C GLU A 96 13.27 -6.92 -2.27
N LEU A 97 12.80 -6.10 -3.22
CA LEU A 97 11.46 -5.53 -3.17
CA LEU A 97 11.46 -5.54 -3.19
C LEU A 97 10.42 -6.66 -3.14
N GLN A 98 10.57 -7.64 -4.04
CA GLN A 98 9.64 -8.82 -4.02
C GLN A 98 9.65 -9.55 -2.70
N GLY A 99 10.83 -9.69 -2.10
CA GLY A 99 10.91 -10.36 -0.80
C GLY A 99 10.15 -9.61 0.28
N VAL A 100 10.19 -8.29 0.22
CA VAL A 100 9.47 -7.48 1.22
C VAL A 100 7.95 -7.67 1.01
N CYS A 101 7.51 -7.62 -0.25
CA CYS A 101 6.10 -7.80 -0.52
C CYS A 101 5.67 -9.19 -0.08
N ASP A 102 6.50 -10.19 -0.31
CA ASP A 102 6.14 -11.56 0.06
C ASP A 102 6.06 -11.69 1.55
N THR A 103 6.96 -11.01 2.26
CA THR A 103 6.93 -11.04 3.73
C THR A 103 5.60 -10.42 4.26
N VAL A 104 5.18 -9.27 3.70
CA VAL A 104 3.93 -8.65 4.17
C VAL A 104 2.76 -9.52 3.85
N LEU A 105 2.72 -10.07 2.64
CA LEU A 105 1.61 -10.94 2.25
C LEU A 105 1.54 -12.21 3.10
N GLY A 106 2.71 -12.72 3.45
CA GLY A 106 2.84 -13.81 4.44
C GLY A 106 2.25 -13.47 5.79
N LEU A 107 2.45 -12.24 6.29
CA LEU A 107 1.93 -11.86 7.60
C LEU A 107 0.42 -11.78 7.48
N LEU A 108 -0.05 -11.18 6.39
CA LEU A 108 -1.51 -11.07 6.22
C LEU A 108 -2.18 -12.43 6.14
N ASP A 109 -1.53 -13.34 5.41
CA ASP A 109 -2.09 -14.70 5.28
C ASP A 109 -1.90 -15.61 6.53
N SER A 110 -0.88 -15.32 7.32
CA SER A 110 -0.55 -16.12 8.49
CA SER A 110 -0.63 -16.10 8.54
C SER A 110 -0.29 -15.21 9.72
N HIS A 111 -1.31 -14.69 10.43
CA HIS A 111 -2.73 -15.05 10.29
C HIS A 111 -3.60 -13.86 10.49
N LEU A 112 -3.12 -12.70 10.06
CA LEU A 112 -3.87 -11.43 10.31
C LEU A 112 -5.29 -11.43 9.72
N ILE A 113 -5.41 -11.77 8.45
CA ILE A 113 -6.71 -11.63 7.79
C ILE A 113 -7.75 -12.56 8.42
N LYS A 114 -7.35 -13.81 8.65
CA LYS A 114 -8.37 -14.74 9.04
C LYS A 114 -8.90 -14.44 10.45
N GLU A 115 -8.15 -13.74 11.30
CA GLU A 115 -8.70 -13.44 12.62
CA GLU A 115 -8.58 -13.43 12.65
C GLU A 115 -9.34 -12.07 12.69
N ALA A 116 -9.30 -11.31 11.58
CA ALA A 116 -9.83 -9.94 11.58
C ALA A 116 -11.31 -9.89 11.28
N GLY A 117 -12.15 -9.72 12.32
CA GLY A 117 -13.64 -9.76 12.21
C GLY A 117 -14.30 -8.38 12.06
N ASP A 118 -13.72 -7.36 12.68
CA ASP A 118 -14.30 -6.00 12.58
C ASP A 118 -14.03 -5.37 11.25
N ALA A 119 -14.98 -4.57 10.73
CA ALA A 119 -14.73 -3.93 9.40
C ALA A 119 -13.44 -3.18 9.33
N GLU A 120 -13.11 -2.37 10.36
CA GLU A 120 -11.93 -1.52 10.32
CA GLU A 120 -11.90 -1.50 10.36
C GLU A 120 -10.64 -2.33 10.23
N SER A 121 -10.63 -3.52 10.82
CA SER A 121 -9.40 -4.30 10.66
C SER A 121 -9.43 -5.08 9.39
N ARG A 122 -10.58 -5.72 9.05
CA ARG A 122 -10.64 -6.53 7.82
C ARG A 122 -10.34 -5.70 6.58
N VAL A 123 -10.93 -4.52 6.47
CA VAL A 123 -10.75 -3.71 5.28
C VAL A 123 -9.30 -3.19 5.23
N PHE A 124 -8.74 -2.77 6.38
CA PHE A 124 -7.36 -2.34 6.44
CA PHE A 124 -7.35 -2.35 6.46
C PHE A 124 -6.39 -3.41 5.89
N TYR A 125 -6.53 -4.66 6.36
CA TYR A 125 -5.61 -5.72 5.95
C TYR A 125 -5.82 -6.09 4.50
N LEU A 126 -7.08 -6.09 4.03
CA LEU A 126 -7.31 -6.40 2.62
C LEU A 126 -6.77 -5.28 1.71
N LYS A 127 -6.89 -4.01 2.11
CA LYS A 127 -6.23 -2.96 1.35
C LYS A 127 -4.69 -3.23 1.27
N MET A 128 -4.05 -3.53 2.41
CA MET A 128 -2.58 -3.86 2.38
C MET A 128 -2.37 -5.01 1.41
N LYS A 129 -3.21 -6.06 1.45
CA LYS A 129 -3.02 -7.19 0.54
C LYS A 129 -3.07 -6.70 -0.93
N GLY A 130 -4.05 -5.86 -1.24
CA GLY A 130 -4.16 -5.24 -2.60
C GLY A 130 -2.91 -4.45 -2.92
N ASP A 131 -2.44 -3.65 -1.96
CA ASP A 131 -1.28 -2.78 -2.17
C ASP A 131 -0.02 -3.60 -2.46
N TYR A 132 0.20 -4.66 -1.70
CA TYR A 132 1.48 -5.42 -1.90
C TYR A 132 1.43 -6.30 -3.16
N TYR A 133 0.25 -6.83 -3.51
CA TYR A 133 0.17 -7.45 -4.86
C TYR A 133 0.33 -6.40 -5.96
N ARG A 134 -0.24 -5.20 -5.76
CA ARG A 134 0.01 -4.15 -6.70
C ARG A 134 1.53 -3.83 -6.90
N TYR A 135 2.30 -3.81 -5.82
CA TYR A 135 3.75 -3.52 -5.97
C TYR A 135 4.42 -4.67 -6.70
N LEU A 136 4.00 -5.90 -6.41
CA LEU A 136 4.51 -7.02 -7.18
C LEU A 136 4.13 -6.83 -8.64
N ALA A 137 2.88 -6.38 -8.89
CA ALA A 137 2.46 -6.15 -10.32
C ALA A 137 3.30 -5.08 -11.00
N GLU A 138 3.79 -4.08 -10.25
CA GLU A 138 4.59 -3.03 -10.90
C GLU A 138 5.86 -3.52 -11.60
N VAL A 139 6.44 -4.57 -11.05
CA VAL A 139 7.68 -5.15 -11.55
C VAL A 139 7.50 -6.44 -12.37
N ALA A 140 6.28 -6.96 -12.42
CA ALA A 140 6.05 -8.29 -12.99
C ALA A 140 6.08 -8.16 -14.52
N THR A 141 6.76 -9.08 -15.19
CA THR A 141 6.88 -9.04 -16.66
C THR A 141 6.61 -10.38 -17.34
N GLY A 142 6.40 -11.43 -16.57
CA GLY A 142 6.26 -12.80 -17.10
C GLY A 142 4.89 -13.52 -16.98
N ASP A 143 4.95 -14.85 -16.93
CA ASP A 143 3.79 -15.80 -17.02
C ASP A 143 2.71 -15.52 -15.97
N ASP A 144 3.17 -15.00 -14.82
CA ASP A 144 2.34 -14.78 -13.65
C ASP A 144 1.74 -13.37 -13.55
N LYS A 145 2.09 -12.47 -14.47
CA LYS A 145 1.67 -11.08 -14.34
C LYS A 145 0.14 -10.97 -14.20
N LYS A 146 -0.60 -11.75 -14.98
CA LYS A 146 -2.06 -11.58 -14.98
CA LYS A 146 -2.06 -11.57 -14.97
C LYS A 146 -2.62 -12.04 -13.65
N ARG A 147 -2.06 -13.13 -13.13
CA ARG A 147 -2.55 -13.67 -11.85
C ARG A 147 -2.21 -12.73 -10.69
N ILE A 148 -1.06 -12.10 -10.76
CA ILE A 148 -0.67 -11.17 -9.69
C ILE A 148 -1.63 -9.95 -9.75
N ILE A 149 -1.89 -9.44 -10.95
CA ILE A 149 -2.86 -8.32 -11.09
C ILE A 149 -4.24 -8.69 -10.56
N ASP A 150 -4.69 -9.90 -10.89
CA ASP A 150 -6.00 -10.33 -10.41
C ASP A 150 -6.02 -10.52 -8.87
N SER A 151 -4.87 -10.87 -8.26
CA SER A 151 -4.85 -11.01 -6.80
C SER A 151 -4.99 -9.63 -6.17
N ALA A 152 -4.31 -8.63 -6.76
CA ALA A 152 -4.47 -7.22 -6.27
C ALA A 152 -5.94 -6.83 -6.41
N ARG A 153 -6.49 -7.04 -7.58
CA ARG A 153 -7.89 -6.68 -7.84
CA ARG A 153 -7.91 -6.70 -7.84
C ARG A 153 -8.87 -7.34 -6.83
N SER A 154 -8.74 -8.65 -6.62
CA SER A 154 -9.67 -9.41 -5.78
CA SER A 154 -9.67 -9.41 -5.77
C SER A 154 -9.60 -8.92 -4.35
N ALA A 155 -8.39 -8.65 -3.86
CA ALA A 155 -8.29 -8.16 -2.49
C ALA A 155 -8.92 -6.78 -2.35
N TYR A 156 -8.57 -5.87 -3.28
CA TYR A 156 -9.17 -4.48 -3.26
C TYR A 156 -10.68 -4.55 -3.34
N GLN A 157 -11.15 -5.43 -4.21
CA GLN A 157 -12.63 -5.55 -4.40
C GLN A 157 -13.32 -6.07 -3.14
N GLU A 158 -12.77 -7.10 -2.49
CA GLU A 158 -13.37 -7.59 -1.22
C GLU A 158 -13.35 -6.47 -0.16
N ALA A 159 -12.25 -5.70 -0.11
CA ALA A 159 -12.21 -4.60 0.85
C ALA A 159 -13.24 -3.54 0.48
N MET A 160 -13.38 -3.22 -0.82
CA MET A 160 -14.40 -2.24 -1.26
C MET A 160 -15.80 -2.69 -0.82
N ASP A 161 -16.10 -3.99 -1.01
CA ASP A 161 -17.47 -4.44 -0.73
C ASP A 161 -17.79 -4.31 0.76
N ILE A 162 -16.85 -4.75 1.62
CA ILE A 162 -17.03 -4.62 3.06
C ILE A 162 -17.13 -3.13 3.50
N SER A 163 -16.23 -2.28 2.98
CA SER A 163 -16.20 -0.88 3.37
C SER A 163 -17.50 -0.17 2.99
N LYS A 164 -18.03 -0.46 1.82
CA LYS A 164 -19.28 0.12 1.42
CA LYS A 164 -19.32 0.10 1.40
C LYS A 164 -20.46 -0.32 2.31
N LYS A 165 -20.45 -1.57 2.75
CA LYS A 165 -21.53 -2.08 3.62
CA LYS A 165 -21.52 -2.08 3.61
C LYS A 165 -21.38 -1.57 5.04
N GLU A 166 -20.14 -1.50 5.54
CA GLU A 166 -19.90 -1.34 6.98
C GLU A 166 -19.32 -0.04 7.46
N MET A 167 -18.86 0.85 6.58
CA MET A 167 -18.17 2.04 7.05
CA MET A 167 -18.15 2.04 7.01
C MET A 167 -18.79 3.25 6.38
N PRO A 168 -18.73 4.40 7.06
CA PRO A 168 -19.26 5.60 6.42
C PRO A 168 -18.38 6.03 5.26
N PRO A 169 -18.95 6.83 4.33
CA PRO A 169 -18.23 7.20 3.11
C PRO A 169 -17.04 8.09 3.39
N THR A 170 -17.01 8.70 4.56
CA THR A 170 -15.90 9.56 4.95
CA THR A 170 -15.92 9.56 4.91
C THR A 170 -14.81 8.82 5.72
N HIS A 171 -15.00 7.52 6.02
CA HIS A 171 -13.96 6.81 6.83
C HIS A 171 -12.56 6.91 6.17
N PRO A 172 -11.51 7.37 6.87
CA PRO A 172 -10.17 7.46 6.23
C PRO A 172 -9.72 6.15 5.57
N ILE A 173 -10.09 4.99 6.13
CA ILE A 173 -9.63 3.73 5.53
C ILE A 173 -10.42 3.50 4.26
N ARG A 174 -11.73 3.76 4.27
CA ARG A 174 -12.52 3.73 3.01
CA ARG A 174 -12.52 3.70 3.03
C ARG A 174 -11.94 4.62 1.94
N LEU A 175 -11.62 5.88 2.31
CA LEU A 175 -11.14 6.82 1.34
CA LEU A 175 -11.10 6.85 1.37
C LEU A 175 -9.75 6.40 0.81
N GLY A 176 -8.88 5.92 1.70
CA GLY A 176 -7.49 5.49 1.30
C GLY A 176 -7.55 4.27 0.36
N LEU A 177 -8.41 3.33 0.68
CA LEU A 177 -8.61 2.14 -0.13
C LEU A 177 -9.06 2.54 -1.54
N ALA A 178 -10.04 3.46 -1.60
CA ALA A 178 -10.54 3.87 -2.92
C ALA A 178 -9.48 4.61 -3.70
N LEU A 179 -8.77 5.49 -3.02
CA LEU A 179 -7.62 6.16 -3.66
C LEU A 179 -6.68 5.13 -4.30
N ASN A 180 -6.28 4.10 -3.53
CA ASN A 180 -5.34 3.10 -4.07
C ASN A 180 -5.91 2.19 -5.11
N PHE A 181 -7.17 1.80 -4.93
CA PHE A 181 -7.83 0.97 -5.97
C PHE A 181 -7.94 1.76 -7.23
N SER A 182 -8.20 3.07 -7.13
CA SER A 182 -8.29 3.93 -8.32
C SER A 182 -6.94 4.03 -9.04
N VAL A 183 -5.86 4.17 -8.28
CA VAL A 183 -4.48 4.08 -8.85
C VAL A 183 -4.18 2.72 -9.53
N PHE A 184 -4.58 1.62 -8.89
CA PHE A 184 -4.49 0.28 -9.50
C PHE A 184 -5.20 0.30 -10.87
N HIS A 185 -6.45 0.79 -10.92
CA HIS A 185 -7.15 0.82 -12.22
C HIS A 185 -6.37 1.63 -13.23
N TYR A 186 -5.86 2.75 -12.79
CA TYR A 186 -5.27 3.67 -13.77
C TYR A 186 -3.97 3.09 -14.31
N GLU A 187 -3.11 2.62 -13.43
CA GLU A 187 -1.78 2.36 -13.98
C GLU A 187 -1.37 0.89 -14.03
N ILE A 188 -2.16 0.02 -13.41
CA ILE A 188 -1.92 -1.44 -13.45
C ILE A 188 -2.91 -2.13 -14.38
N ALA A 189 -4.20 -1.80 -14.26
CA ALA A 189 -5.23 -2.54 -15.03
C ALA A 189 -5.56 -1.84 -16.36
N ASN A 190 -4.87 -0.77 -16.71
CA ASN A 190 -5.09 -0.05 -18.00
C ASN A 190 -6.57 0.34 -18.11
N SER A 191 -7.14 0.84 -17.00
CA SER A 191 -8.57 1.25 -17.01
C SER A 191 -8.67 2.68 -16.45
N PRO A 192 -8.11 3.66 -17.16
CA PRO A 192 -8.14 5.02 -16.60
C PRO A 192 -9.59 5.53 -16.38
N GLU A 193 -10.55 5.12 -17.21
CA GLU A 193 -11.96 5.55 -17.02
C GLU A 193 -12.52 5.06 -15.71
N GLU A 194 -12.27 3.80 -15.39
CA GLU A 194 -12.65 3.25 -14.10
C GLU A 194 -11.95 3.97 -12.92
N ALA A 195 -10.64 4.23 -13.05
CA ALA A 195 -9.88 4.98 -12.01
C ALA A 195 -10.52 6.34 -11.74
N ILE A 196 -10.79 7.06 -12.81
CA ILE A 196 -11.46 8.42 -12.71
C ILE A 196 -12.85 8.35 -12.06
N SER A 197 -13.69 7.44 -12.55
CA SER A 197 -15.05 7.27 -12.02
CA SER A 197 -15.04 7.26 -12.03
C SER A 197 -14.99 6.89 -10.54
N LEU A 198 -14.09 5.98 -10.20
CA LEU A 198 -13.97 5.63 -8.81
C LEU A 198 -13.53 6.82 -7.93
N ALA A 199 -12.52 7.57 -8.38
CA ALA A 199 -12.04 8.72 -7.55
C ALA A 199 -13.10 9.81 -7.40
N LYS A 200 -13.86 10.06 -8.46
CA LYS A 200 -14.98 11.03 -8.49
CA LYS A 200 -14.91 11.08 -8.42
C LYS A 200 -16.12 10.68 -7.54
N THR A 201 -16.65 9.47 -7.70
CA THR A 201 -17.76 8.98 -6.90
CA THR A 201 -17.77 9.03 -6.87
C THR A 201 -17.36 8.94 -5.41
N THR A 202 -16.15 8.48 -5.17
CA THR A 202 -15.66 8.40 -3.77
C THR A 202 -15.59 9.80 -3.16
N PHE A 203 -15.03 10.73 -3.92
CA PHE A 203 -14.91 12.14 -3.42
C PHE A 203 -16.33 12.73 -3.11
N ASP A 204 -17.24 12.56 -4.06
CA ASP A 204 -18.57 13.18 -3.95
C ASP A 204 -19.40 12.55 -2.84
N GLU A 205 -19.30 11.24 -2.66
CA GLU A 205 -20.03 10.55 -1.58
C GLU A 205 -19.45 10.98 -0.22
N ALA A 206 -18.14 11.22 -0.15
CA ALA A 206 -17.61 11.72 1.10
C ALA A 206 -18.00 13.19 1.35
N MET A 207 -17.91 14.05 0.32
CA MET A 207 -18.38 15.45 0.42
CA MET A 207 -18.38 15.43 0.46
C MET A 207 -19.76 15.52 1.14
N ALA A 208 -20.71 14.70 0.68
CA ALA A 208 -22.09 14.74 1.15
C ALA A 208 -22.26 14.26 2.59
N ASP A 209 -21.24 13.57 3.16
CA ASP A 209 -21.27 13.01 4.51
CA ASP A 209 -21.38 13.11 4.54
C ASP A 209 -20.47 13.88 5.52
N LEU A 210 -19.71 14.90 5.01
CA LEU A 210 -18.86 15.73 5.86
C LEU A 210 -19.68 16.35 7.01
N HIS A 211 -20.93 16.69 6.72
CA HIS A 211 -21.75 17.44 7.72
C HIS A 211 -22.01 16.63 9.02
N THR A 212 -21.82 15.31 8.98
CA THR A 212 -22.04 14.44 10.19
C THR A 212 -20.85 14.46 11.13
N LEU A 213 -19.73 15.03 10.71
CA LEU A 213 -18.47 14.85 11.43
C LEU A 213 -18.11 15.98 12.44
N SER A 214 -17.46 15.58 13.51
CA SER A 214 -16.66 16.50 14.32
C SER A 214 -15.54 17.25 13.50
N GLU A 215 -15.00 18.36 14.05
CA GLU A 215 -13.90 19.11 13.43
CA GLU A 215 -13.92 19.11 13.40
C GLU A 215 -12.69 18.20 13.16
N ASP A 216 -12.34 17.37 14.14
CA ASP A 216 -11.17 16.49 13.97
C ASP A 216 -11.37 15.42 12.87
N SER A 217 -12.55 14.81 12.82
CA SER A 217 -12.86 13.80 11.80
C SER A 217 -12.92 14.48 10.42
N TYR A 218 -13.47 15.69 10.40
CA TYR A 218 -13.55 16.48 9.18
CA TYR A 218 -13.55 16.48 9.17
C TYR A 218 -12.14 16.66 8.60
N LYS A 219 -11.18 17.06 9.46
CA LYS A 219 -9.76 17.22 9.06
C LYS A 219 -9.17 15.92 8.52
N ASP A 220 -9.41 14.80 9.22
CA ASP A 220 -8.92 13.47 8.78
C ASP A 220 -9.42 13.11 7.39
N SER A 221 -10.73 13.28 7.15
CA SER A 221 -11.33 12.82 5.89
C SER A 221 -10.92 13.75 4.73
N THR A 222 -10.99 15.06 4.99
CA THR A 222 -10.69 16.02 3.92
C THR A 222 -9.22 15.90 3.48
N LEU A 223 -8.33 15.53 4.39
CA LEU A 223 -6.94 15.27 3.98
CA LEU A 223 -6.93 15.25 4.01
C LEU A 223 -6.84 14.23 2.85
N ILE A 224 -7.53 13.10 2.98
CA ILE A 224 -7.44 12.03 1.95
CA ILE A 224 -7.43 12.04 1.95
C ILE A 224 -8.30 12.40 0.75
N MET A 225 -9.37 13.16 1.00
CA MET A 225 -10.21 13.62 -0.15
C MET A 225 -9.34 14.49 -1.08
N GLN A 226 -8.45 15.29 -0.50
CA GLN A 226 -7.55 16.10 -1.36
C GLN A 226 -6.62 15.28 -2.22
N LEU A 227 -6.22 14.09 -1.74
CA LEU A 227 -5.39 13.22 -2.58
C LEU A 227 -6.23 12.69 -3.76
N LEU A 228 -7.52 12.39 -3.51
CA LEU A 228 -8.45 11.96 -4.61
C LEU A 228 -8.52 13.10 -5.63
N ARG A 229 -8.66 14.32 -5.12
CA ARG A 229 -8.73 15.50 -6.02
C ARG A 229 -7.42 15.73 -6.79
N ASP A 230 -6.28 15.50 -6.19
CA ASP A 230 -5.01 15.72 -6.86
C ASP A 230 -4.93 14.75 -8.05
N ASN A 231 -5.38 13.51 -7.84
CA ASN A 231 -5.31 12.50 -8.92
C ASN A 231 -6.29 12.88 -9.99
N LEU A 232 -7.52 13.25 -9.62
CA LEU A 232 -8.48 13.70 -10.68
C LEU A 232 -7.92 14.86 -11.49
N THR A 233 -7.27 15.78 -10.81
CA THR A 233 -6.67 16.92 -11.53
C THR A 233 -5.53 16.48 -12.45
N LEU A 234 -4.70 15.55 -11.99
CA LEU A 234 -3.68 15.00 -12.84
C LEU A 234 -4.25 14.26 -14.05
N TRP A 235 -5.37 13.56 -13.88
CA TRP A 235 -5.80 12.60 -14.90
C TRP A 235 -6.80 13.18 -15.88
N THR A 236 -7.26 14.39 -15.61
CA THR A 236 -8.32 14.94 -16.45
C THR A 236 -7.94 16.30 -17.00
N ARG B 1 3.74 13.21 -9.46
CA ARG B 1 3.37 11.76 -9.37
CA ARG B 1 3.37 11.77 -9.39
C ARG B 1 1.98 11.57 -8.70
N ARG B 2 1.16 10.66 -9.23
CA ARG B 2 -0.17 10.40 -8.65
C ARG B 2 -0.01 9.99 -7.18
N LYS B 3 -1.05 10.24 -6.38
CA LYS B 3 -1.00 10.03 -4.93
C LYS B 3 -1.53 8.63 -4.63
N SEP B 4 -0.84 7.97 -3.69
CA SEP B 4 -1.45 6.82 -3.07
CB SEP B 4 -0.78 5.53 -3.59
OG SEP B 4 0.60 5.62 -3.35
C SEP B 4 -1.24 6.97 -1.58
O SEP B 4 -0.57 7.94 -1.14
P SEP B 4 1.42 4.21 -3.57
O1P SEP B 4 1.40 3.87 -5.11
O2P SEP B 4 2.86 4.56 -3.04
O3P SEP B 4 0.69 3.06 -2.67
N VAL B 5 -1.79 6.07 -0.77
CA VAL B 5 -1.69 6.28 0.69
C VAL B 5 -1.67 4.96 1.41
CAA FW1 C . -5.65 5.57 7.51
CAB FW1 C . -4.85 5.73 6.17
CAC FW1 C . -3.60 4.82 6.10
CAD FW1 C . -2.40 5.01 6.76
CAE FW1 C . -1.95 5.90 7.74
CAF FW1 C . -2.93 7.06 8.10
CAG FW1 C . -4.00 6.77 9.13
CAH FW1 C . -5.36 6.79 8.42
CAI FW1 C . -0.70 6.71 7.25
CAJ FW1 C . -1.38 7.87 6.50
CAK FW1 C . -2.57 8.18 7.39
CAL FW1 C . -5.67 5.38 4.91
CAM FW1 C . -5.39 3.88 4.68
CAN FW1 C . -3.91 3.75 5.04
CAO FW1 C . -1.62 4.99 8.99
CAP FW1 C . -3.55 2.37 5.60
CAQ FW1 C . -5.45 4.19 8.32
OAR FW1 C . -6.31 6.80 9.49
OAS FW1 C . -3.81 1.41 4.53
CAT FW1 C . -3.31 9.52 7.34
CAU FW1 C . -3.56 9.83 5.86
CAV FW1 C . -2.36 10.64 7.91
OAW FW1 C . -3.88 7.89 10.05
OAX FW1 C . -2.17 10.50 9.35
OAY FW1 C . 0.20 5.95 6.41
CAZ FW1 C . -3.63 0.02 4.97
CBA FW1 C . -3.14 11.09 10.19
CBB FW1 C . -2.77 12.33 11.04
OBC FW1 C . -4.29 10.63 10.33
CL CL D . 16.88 -3.34 20.29
MG MG E . 5.09 -11.77 26.91
MG MG F . -10.92 -11.29 15.77
MG MG G . 28.75 4.76 -29.75
MG MG H . 12.89 -10.40 -11.73
#